data_4URF
#
_entry.id   4URF
#
_cell.length_a   121.500
_cell.length_b   55.100
_cell.length_c   86.300
_cell.angle_alpha   90.00
_cell.angle_beta   134.40
_cell.angle_gamma   90.00
#
_symmetry.space_group_name_H-M   'C 1 2 1'
#
loop_
_entity.id
_entity.type
_entity.pdbx_description
1 polymer 'CYCLOHEXANOL DEHYDROGENASE'
2 non-polymer NICOTINAMIDE-ADENINE-DINUCLEOTIDE
3 non-polymer 'ACETATE ION'
4 non-polymer 3-PYRIDINIUM-1-YLPROPANE-1-SULFONATE
5 non-polymer 'MAGNESIUM ION'
6 non-polymer 'BICARBONATE ION'
7 water water
#
_entity_poly.entity_id   1
_entity_poly.type   'polypeptide(L)'
_entity_poly.pdbx_seq_one_letter_code
;MLLEGKTALVTGAGNGIGRTIALTYAAEGANVVVSDISDEWGRETLALIEGKGGKAVFQHADTAHPEDHDELIAAAKRAF
GRLDIACNNAGISGEFTPTAETTDAQWQRVIGINLSGVFYGVRAQIRAMLETGGGAIVNISSIAGQIGIEGITPYTAAKH
GVVGLTKTVAWEYGSKGIRINSVGPAFINTTLVQNVPLETRRQLEQMHALRRLGETEEVANLVAWLSSDKASFVTGSYYA
VDGGYLAR
;
_entity_poly.pdbx_strand_id   A,B
#
loop_
_chem_comp.id
_chem_comp.type
_chem_comp.name
_chem_comp.formula
1PS non-polymer 3-PYRIDINIUM-1-YLPROPANE-1-SULFONATE 'C8 H11 N O3 S'
ACT non-polymer 'ACETATE ION' 'C2 H3 O2 -1'
BCT non-polymer 'BICARBONATE ION' 'C H O3 -1'
MG non-polymer 'MAGNESIUM ION' 'Mg 2'
NAD non-polymer NICOTINAMIDE-ADENINE-DINUCLEOTIDE 'C21 H27 N7 O14 P2'
#
# COMPACT_ATOMS: atom_id res chain seq x y z
N MET A 1 16.26 6.84 6.43
CA MET A 1 16.27 5.38 6.52
C MET A 1 14.99 4.90 7.15
N LEU A 2 14.29 4.05 6.50
CA LEU A 2 13.05 3.51 6.95
C LEU A 2 13.24 2.47 8.04
N LEU A 3 14.36 1.71 8.02
CA LEU A 3 14.46 0.49 8.74
C LEU A 3 15.70 0.43 9.63
N GLU A 4 16.18 1.60 10.07
CA GLU A 4 17.47 1.64 10.79
C GLU A 4 17.44 0.72 12.03
N GLY A 5 18.40 -0.19 12.12
CA GLY A 5 18.54 -0.98 13.31
C GLY A 5 17.64 -2.18 13.39
N LYS A 6 16.76 -2.38 12.43
N LYS A 6 16.73 -2.36 12.43
CA LYS A 6 15.90 -3.55 12.42
CA LYS A 6 15.83 -3.53 12.35
C LYS A 6 16.61 -4.71 11.72
C LYS A 6 16.53 -4.71 11.67
N THR A 7 16.24 -5.91 12.14
CA THR A 7 16.72 -7.12 11.53
C THR A 7 15.69 -7.75 10.62
N ALA A 8 16.05 -7.95 9.37
CA ALA A 8 15.13 -8.40 8.33
C ALA A 8 15.66 -9.63 7.60
N LEU A 9 14.82 -10.68 7.48
N LEU A 9 14.78 -10.61 7.46
CA LEU A 9 15.18 -11.81 6.62
CA LEU A 9 15.04 -11.83 6.72
C LEU A 9 14.41 -11.78 5.33
C LEU A 9 14.43 -11.65 5.30
N VAL A 10 15.03 -12.23 4.29
CA VAL A 10 14.45 -12.32 2.95
C VAL A 10 14.66 -13.74 2.44
N THR A 11 13.58 -14.41 2.01
CA THR A 11 13.68 -15.69 1.35
C THR A 11 13.84 -15.46 -0.15
N GLY A 12 14.49 -16.38 -0.85
CA GLY A 12 14.65 -16.22 -2.28
C GLY A 12 15.36 -14.93 -2.67
N ALA A 13 16.36 -14.52 -1.87
CA ALA A 13 17.06 -13.28 -2.04
C ALA A 13 18.22 -13.32 -3.00
N GLY A 14 18.44 -14.47 -3.65
CA GLY A 14 19.58 -14.61 -4.57
C GLY A 14 19.43 -13.94 -5.92
N ASN A 15 18.19 -13.62 -6.34
CA ASN A 15 17.94 -13.22 -7.69
C ASN A 15 16.66 -12.37 -7.70
N GLY A 16 16.45 -11.63 -8.78
CA GLY A 16 15.14 -11.05 -9.08
C GLY A 16 14.66 -10.12 -8.02
N ILE A 17 13.36 -10.15 -7.76
CA ILE A 17 12.75 -9.25 -6.79
C ILE A 17 13.37 -9.43 -5.40
N GLY A 18 13.62 -10.66 -4.99
CA GLY A 18 14.16 -10.88 -3.68
C GLY A 18 15.51 -10.24 -3.46
N ARG A 19 16.40 -10.31 -4.48
CA ARG A 19 17.66 -9.61 -4.40
C ARG A 19 17.46 -8.13 -4.17
N THR A 20 16.55 -7.54 -4.96
CA THR A 20 16.31 -6.10 -4.83
C THR A 20 15.68 -5.76 -3.46
N ILE A 21 14.82 -6.63 -2.95
CA ILE A 21 14.28 -6.40 -1.59
C ILE A 21 15.40 -6.42 -0.55
N ALA A 22 16.29 -7.42 -0.65
CA ALA A 22 17.37 -7.48 0.31
C ALA A 22 18.28 -6.21 0.23
N LEU A 23 18.61 -5.78 -0.98
CA LEU A 23 19.43 -4.59 -1.13
C LEU A 23 18.72 -3.37 -0.60
N THR A 24 17.42 -3.25 -0.84
CA THR A 24 16.65 -2.12 -0.38
C THR A 24 16.55 -2.12 1.13
N TYR A 25 16.25 -3.27 1.72
CA TYR A 25 16.28 -3.38 3.17
C TYR A 25 17.61 -2.86 3.74
N ALA A 26 18.74 -3.30 3.16
CA ALA A 26 20.02 -2.85 3.65
C ALA A 26 20.22 -1.40 3.46
N ALA A 27 19.80 -0.85 2.31
CA ALA A 27 19.96 0.57 2.06
C ALA A 27 19.14 1.43 3.01
N GLU A 28 18.06 0.88 3.49
CA GLU A 28 17.17 1.50 4.50
C GLU A 28 17.65 1.27 5.92
N GLY A 29 18.80 0.66 6.10
CA GLY A 29 19.42 0.57 7.40
C GLY A 29 19.21 -0.72 8.14
N ALA A 30 18.53 -1.69 7.55
CA ALA A 30 18.30 -2.95 8.21
C ALA A 30 19.54 -3.83 8.20
N ASN A 31 19.65 -4.65 9.22
CA ASN A 31 20.54 -5.80 9.22
C ASN A 31 19.82 -6.93 8.47
N VAL A 32 20.43 -7.47 7.41
CA VAL A 32 19.70 -8.40 6.53
C VAL A 32 20.23 -9.81 6.67
N VAL A 33 19.32 -10.75 6.84
CA VAL A 33 19.58 -12.15 6.75
C VAL A 33 19.15 -12.58 5.36
N VAL A 34 20.12 -12.72 4.46
CA VAL A 34 19.93 -13.16 3.09
C VAL A 34 19.73 -14.65 3.09
N SER A 35 18.69 -15.20 2.46
N SER A 35 18.78 -15.16 2.33
CA SER A 35 18.60 -16.66 2.27
CA SER A 35 18.63 -16.58 2.22
C SER A 35 18.16 -16.97 0.86
C SER A 35 18.19 -16.95 0.81
N ASP A 36 18.56 -18.15 0.38
CA ASP A 36 18.15 -18.65 -0.93
C ASP A 36 18.39 -20.16 -0.90
N ILE A 37 17.79 -20.85 -1.85
CA ILE A 37 18.11 -22.25 -2.13
C ILE A 37 19.46 -22.34 -2.85
N SER A 38 19.81 -21.30 -3.63
CA SER A 38 21.10 -21.20 -4.34
C SER A 38 22.11 -20.46 -3.50
N ASP A 39 23.09 -21.20 -2.97
CA ASP A 39 24.10 -20.53 -2.16
C ASP A 39 24.95 -19.62 -2.98
N GLU A 40 25.21 -19.98 -4.21
CA GLU A 40 26.02 -19.09 -5.08
C GLU A 40 25.35 -17.75 -5.27
N TRP A 41 24.07 -17.77 -5.64
CA TRP A 41 23.33 -16.53 -5.80
C TRP A 41 23.16 -15.79 -4.48
N GLY A 42 22.83 -16.51 -3.42
CA GLY A 42 22.66 -15.85 -2.13
C GLY A 42 23.90 -15.21 -1.56
N ARG A 43 25.03 -15.92 -1.73
N ARG A 43 25.04 -15.86 -1.69
CA ARG A 43 26.33 -15.37 -1.35
CA ARG A 43 26.25 -15.21 -1.19
C ARG A 43 26.63 -14.10 -2.09
C ARG A 43 26.66 -14.05 -2.09
N GLU A 44 26.29 -14.06 -3.37
CA GLU A 44 26.53 -12.85 -4.14
C GLU A 44 25.63 -11.69 -3.69
N THR A 45 24.37 -11.99 -3.31
CA THR A 45 23.55 -10.93 -2.73
C THR A 45 24.17 -10.38 -1.47
N LEU A 46 24.66 -11.29 -0.62
CA LEU A 46 25.40 -10.86 0.60
C LEU A 46 26.56 -9.97 0.26
N ALA A 47 27.37 -10.36 -0.72
CA ALA A 47 28.55 -9.59 -1.09
C ALA A 47 28.18 -8.24 -1.66
N LEU A 48 27.09 -8.18 -2.41
CA LEU A 48 26.57 -6.93 -2.91
C LEU A 48 26.23 -5.96 -1.76
N ILE A 49 25.52 -6.49 -0.75
CA ILE A 49 25.19 -5.66 0.40
C ILE A 49 26.41 -5.20 1.10
N GLU A 50 27.35 -6.11 1.40
CA GLU A 50 28.53 -5.73 2.12
C GLU A 50 29.39 -4.72 1.36
N GLY A 51 29.44 -4.85 0.04
CA GLY A 51 30.26 -3.92 -0.79
C GLY A 51 29.72 -2.51 -0.90
N LYS A 52 28.44 -2.37 -0.54
CA LYS A 52 27.70 -1.11 -0.48
C LYS A 52 27.67 -0.60 0.99
N GLY A 53 28.38 -1.25 1.89
CA GLY A 53 28.45 -0.82 3.26
C GLY A 53 27.39 -1.30 4.22
N GLY A 54 26.56 -2.25 3.76
CA GLY A 54 25.50 -2.76 4.63
C GLY A 54 25.91 -3.92 5.51
N LYS A 55 25.01 -4.25 6.46
CA LYS A 55 25.23 -5.30 7.47
C LYS A 55 24.33 -6.50 7.12
N ALA A 56 24.94 -7.64 6.97
CA ALA A 56 24.16 -8.81 6.53
C ALA A 56 24.91 -10.12 6.77
N VAL A 57 24.19 -11.24 6.71
CA VAL A 57 24.71 -12.58 6.73
C VAL A 57 23.92 -13.40 5.70
N PHE A 58 24.43 -14.55 5.32
CA PHE A 58 23.74 -15.49 4.46
C PHE A 58 23.45 -16.76 5.22
N GLN A 59 22.27 -17.32 4.98
CA GLN A 59 21.93 -18.65 5.44
C GLN A 59 21.13 -19.37 4.37
N HIS A 60 21.58 -20.56 3.98
CA HIS A 60 20.82 -21.39 3.09
C HIS A 60 19.44 -21.70 3.57
N ALA A 61 18.46 -21.67 2.67
CA ALA A 61 17.20 -22.24 2.97
C ALA A 61 16.39 -22.54 1.74
N ASP A 62 15.92 -23.80 1.66
CA ASP A 62 14.86 -24.23 0.74
C ASP A 62 13.56 -24.01 1.48
N THR A 63 12.75 -23.04 1.04
CA THR A 63 11.57 -22.72 1.81
C THR A 63 10.55 -23.85 1.91
N ALA A 64 10.61 -24.80 1.01
CA ALA A 64 9.72 -25.95 1.02
C ALA A 64 10.00 -26.90 2.18
N HIS A 65 11.16 -26.80 2.82
CA HIS A 65 11.60 -27.70 3.89
C HIS A 65 11.44 -27.00 5.24
N PRO A 66 10.46 -27.45 6.07
CA PRO A 66 10.28 -26.80 7.36
C PRO A 66 11.53 -26.62 8.21
N GLU A 67 12.42 -27.61 8.24
CA GLU A 67 13.61 -27.53 9.06
C GLU A 67 14.51 -26.37 8.66
N ASP A 68 14.51 -26.00 7.39
CA ASP A 68 15.34 -24.89 6.93
C ASP A 68 14.93 -23.57 7.57
N HIS A 69 13.65 -23.40 7.83
CA HIS A 69 13.18 -22.18 8.47
C HIS A 69 13.74 -22.01 9.88
N ASP A 70 13.86 -23.11 10.60
CA ASP A 70 14.49 -23.07 11.95
C ASP A 70 15.89 -22.55 11.89
N GLU A 71 16.60 -22.99 10.85
CA GLU A 71 17.97 -22.58 10.68
C GLU A 71 18.05 -21.10 10.34
N LEU A 72 17.08 -20.58 9.54
N LEU A 72 17.06 -20.65 9.64
CA LEU A 72 16.98 -19.11 9.28
CA LEU A 72 17.07 -19.33 9.21
C LEU A 72 16.82 -18.33 10.56
C LEU A 72 16.74 -18.34 10.42
N ILE A 73 15.84 -18.76 11.33
CA ILE A 73 15.57 -18.01 12.55
C ILE A 73 16.83 -18.07 13.41
N ALA A 74 17.42 -19.24 13.56
CA ALA A 74 18.63 -19.32 14.40
C ALA A 74 19.72 -18.42 13.89
N ALA A 75 19.88 -18.29 12.60
CA ALA A 75 20.91 -17.45 12.01
C ALA A 75 20.62 -16.00 12.32
N ALA A 76 19.37 -15.60 12.21
CA ALA A 76 18.98 -14.24 12.55
C ALA A 76 19.36 -13.91 13.97
N LYS A 77 18.98 -14.79 14.89
CA LYS A 77 19.28 -14.52 16.28
C LYS A 77 20.76 -14.52 16.58
N ARG A 78 21.49 -15.46 15.97
CA ARG A 78 22.90 -15.54 16.20
C ARG A 78 23.61 -14.29 15.75
N ALA A 79 23.27 -13.79 14.58
CA ALA A 79 23.96 -12.57 14.06
C ALA A 79 23.51 -11.28 14.72
N PHE A 80 22.20 -11.14 14.91
CA PHE A 80 21.54 -9.90 15.18
C PHE A 80 20.63 -9.88 16.40
N GLY A 81 20.48 -10.99 17.07
CA GLY A 81 19.75 -11.01 18.33
C GLY A 81 18.29 -11.19 18.33
N ARG A 82 17.59 -10.74 17.28
CA ARG A 82 16.15 -10.78 17.19
C ARG A 82 15.78 -10.75 15.74
N LEU A 83 14.54 -11.05 15.45
CA LEU A 83 13.94 -10.89 14.11
C LEU A 83 12.83 -9.86 14.18
N ASP A 84 12.97 -8.80 13.40
CA ASP A 84 11.95 -7.72 13.31
C ASP A 84 11.08 -7.79 12.09
N ILE A 85 11.64 -8.24 10.97
CA ILE A 85 10.99 -8.18 9.67
C ILE A 85 11.28 -9.46 8.96
N ALA A 86 10.29 -9.97 8.21
CA ALA A 86 10.55 -11.11 7.34
C ALA A 86 9.78 -10.93 6.03
N CYS A 87 10.45 -11.23 4.91
CA CYS A 87 9.82 -11.18 3.60
C CYS A 87 9.87 -12.56 2.98
N ASN A 88 8.68 -13.17 2.79
CA ASN A 88 8.55 -14.48 2.18
C ASN A 88 8.37 -14.31 0.68
N ASN A 89 9.51 -14.22 0.01
CA ASN A 89 9.60 -13.90 -1.40
C ASN A 89 9.85 -15.07 -2.31
N ALA A 90 10.60 -16.10 -1.88
CA ALA A 90 10.94 -17.18 -2.74
C ALA A 90 9.67 -17.73 -3.42
N GLY A 91 9.74 -17.97 -4.72
CA GLY A 91 8.63 -18.52 -5.43
C GLY A 91 9.01 -18.82 -6.87
N ILE A 92 8.20 -19.68 -7.50
CA ILE A 92 8.40 -20.08 -8.86
C ILE A 92 7.10 -19.94 -9.62
N SER A 93 7.13 -19.84 -10.96
CA SER A 93 5.91 -19.72 -11.73
C SER A 93 5.28 -21.08 -12.02
N GLY A 94 6.13 -22.13 -12.12
CA GLY A 94 5.72 -23.31 -12.82
C GLY A 94 5.78 -23.14 -14.33
N GLU A 95 5.67 -24.28 -14.99
N GLU A 95 5.58 -24.22 -15.06
CA GLU A 95 5.48 -24.33 -16.44
CA GLU A 95 5.50 -24.12 -16.54
C GLU A 95 4.06 -23.87 -16.82
C GLU A 95 4.06 -24.00 -16.93
N PHE A 96 3.85 -23.28 -18.01
CA PHE A 96 2.53 -23.00 -18.51
C PHE A 96 1.95 -24.28 -19.11
N THR A 97 0.88 -24.78 -18.53
CA THR A 97 0.26 -26.07 -18.88
C THR A 97 -1.23 -25.97 -18.57
N PRO A 98 -2.14 -26.32 -19.48
CA PRO A 98 -3.55 -26.26 -19.16
C PRO A 98 -3.84 -27.17 -17.98
N THR A 99 -4.88 -26.85 -17.22
CA THR A 99 -5.17 -27.64 -15.99
C THR A 99 -5.30 -29.12 -16.26
N ALA A 100 -6.02 -29.49 -17.32
CA ALA A 100 -6.27 -30.90 -17.56
C ALA A 100 -5.00 -31.71 -17.82
N GLU A 101 -3.94 -31.03 -18.21
CA GLU A 101 -2.66 -31.66 -18.50
C GLU A 101 -1.58 -31.41 -17.46
N THR A 102 -1.95 -30.72 -16.36
CA THR A 102 -0.99 -30.44 -15.29
C THR A 102 -0.80 -31.66 -14.45
N THR A 103 0.46 -32.08 -14.27
CA THR A 103 0.73 -33.27 -13.57
C THR A 103 0.73 -33.08 -12.04
N ASP A 104 0.66 -34.21 -11.34
CA ASP A 104 0.76 -34.17 -9.87
C ASP A 104 2.06 -33.49 -9.46
N ALA A 105 3.18 -33.80 -10.13
CA ALA A 105 4.45 -33.19 -9.78
C ALA A 105 4.45 -31.71 -9.96
N GLN A 106 3.84 -31.22 -11.02
CA GLN A 106 3.75 -29.79 -11.27
C GLN A 106 2.98 -29.07 -10.17
N TRP A 107 1.81 -29.62 -9.86
CA TRP A 107 0.96 -29.10 -8.80
C TRP A 107 1.71 -29.07 -7.49
N GLN A 108 2.26 -30.22 -7.12
CA GLN A 108 2.90 -30.36 -5.81
C GLN A 108 4.10 -29.46 -5.68
N ARG A 109 4.90 -29.30 -6.72
CA ARG A 109 6.09 -28.49 -6.62
C ARG A 109 5.73 -27.04 -6.37
N VAL A 110 4.76 -26.50 -7.17
CA VAL A 110 4.42 -25.10 -7.04
C VAL A 110 3.71 -24.81 -5.70
N ILE A 111 2.81 -25.70 -5.31
CA ILE A 111 2.15 -25.50 -4.02
C ILE A 111 3.19 -25.59 -2.89
N GLY A 112 4.11 -26.54 -3.00
CA GLY A 112 5.07 -26.75 -1.97
C GLY A 112 5.97 -25.55 -1.69
N ILE A 113 6.40 -24.89 -2.75
CA ILE A 113 7.23 -23.69 -2.57
C ILE A 113 6.38 -22.47 -2.28
N ASN A 114 5.39 -22.21 -3.15
CA ASN A 114 4.75 -20.92 -3.14
C ASN A 114 3.72 -20.78 -2.03
N LEU A 115 3.15 -21.89 -1.55
CA LEU A 115 2.13 -21.81 -0.52
C LEU A 115 2.68 -22.45 0.79
N SER A 116 3.00 -23.76 0.74
CA SER A 116 3.53 -24.38 1.96
C SER A 116 4.79 -23.70 2.44
N GLY A 117 5.70 -23.29 1.53
CA GLY A 117 6.90 -22.65 1.96
C GLY A 117 6.70 -21.33 2.63
N VAL A 118 5.67 -20.58 2.20
CA VAL A 118 5.27 -19.37 2.87
C VAL A 118 4.72 -19.69 4.25
N PHE A 119 3.83 -20.67 4.36
CA PHE A 119 3.32 -21.06 5.67
C PHE A 119 4.46 -21.45 6.62
N TYR A 120 5.38 -22.29 6.16
CA TYR A 120 6.43 -22.75 7.10
C TYR A 120 7.27 -21.54 7.56
N GLY A 121 7.52 -20.61 6.69
CA GLY A 121 8.25 -19.40 7.09
C GLY A 121 7.47 -18.58 8.07
N VAL A 122 6.22 -18.26 7.71
CA VAL A 122 5.43 -17.46 8.60
C VAL A 122 5.31 -18.08 10.00
N ARG A 123 5.13 -19.39 10.06
CA ARG A 123 5.05 -20.09 11.36
C ARG A 123 6.28 -19.86 12.17
N ALA A 124 7.48 -20.05 11.55
CA ALA A 124 8.72 -19.84 12.30
C ALA A 124 8.96 -18.37 12.68
N GLN A 125 8.57 -17.49 11.76
CA GLN A 125 8.78 -16.07 11.98
C GLN A 125 7.91 -15.55 13.09
N ILE A 126 6.64 -15.97 13.15
CA ILE A 126 5.78 -15.57 14.28
C ILE A 126 6.41 -15.96 15.59
N ARG A 127 6.86 -17.22 15.68
CA ARG A 127 7.44 -17.70 16.91
C ARG A 127 8.61 -16.83 17.38
N ALA A 128 9.47 -16.49 16.44
CA ALA A 128 10.65 -15.65 16.75
C ALA A 128 10.23 -14.24 17.13
N MET A 129 9.30 -13.65 16.42
CA MET A 129 8.87 -12.31 16.71
C MET A 129 8.17 -12.19 18.03
N LEU A 130 7.46 -13.20 18.44
CA LEU A 130 6.79 -13.13 19.72
C LEU A 130 7.81 -13.02 20.84
N GLU A 131 9.02 -13.57 20.68
CA GLU A 131 10.00 -13.43 21.71
C GLU A 131 10.32 -12.01 22.10
N THR A 132 10.25 -11.12 21.13
CA THR A 132 10.68 -9.77 21.30
C THR A 132 9.60 -8.76 20.91
N GLY A 133 8.36 -9.10 21.14
CA GLY A 133 7.33 -8.15 21.13
C GLY A 133 6.75 -7.73 19.83
N GLY A 134 6.88 -8.54 18.81
CA GLY A 134 6.25 -8.35 17.55
C GLY A 134 7.14 -8.11 16.38
N GLY A 135 6.55 -7.70 15.28
CA GLY A 135 7.35 -7.53 14.08
C GLY A 135 6.46 -7.36 12.86
N ALA A 136 7.04 -7.39 11.69
CA ALA A 136 6.32 -7.19 10.43
C ALA A 136 6.73 -8.24 9.44
N ILE A 137 5.73 -8.87 8.82
CA ILE A 137 5.92 -9.88 7.80
C ILE A 137 5.31 -9.40 6.51
N VAL A 138 6.03 -9.60 5.41
CA VAL A 138 5.50 -9.31 4.07
C VAL A 138 5.60 -10.53 3.22
N ASN A 139 4.47 -11.00 2.70
CA ASN A 139 4.43 -12.15 1.79
C ASN A 139 4.35 -11.62 0.36
N ILE A 140 5.13 -12.18 -0.56
CA ILE A 140 5.01 -11.81 -1.97
C ILE A 140 4.00 -12.77 -2.61
N SER A 141 2.79 -12.19 -2.89
CA SER A 141 1.78 -12.90 -3.66
C SER A 141 2.01 -12.54 -5.13
N SER A 142 0.92 -12.07 -5.82
CA SER A 142 0.93 -11.73 -7.24
C SER A 142 -0.43 -11.12 -7.53
N ILE A 143 -0.56 -10.50 -8.68
CA ILE A 143 -1.89 -10.37 -9.30
C ILE A 143 -2.63 -11.70 -9.34
N ALA A 144 -1.93 -12.81 -9.45
CA ALA A 144 -2.54 -14.12 -9.47
C ALA A 144 -3.04 -14.59 -8.10
N GLY A 145 -2.90 -13.73 -7.08
CA GLY A 145 -3.63 -13.88 -5.81
C GLY A 145 -5.02 -13.30 -5.82
N GLN A 146 -5.38 -12.61 -6.91
CA GLN A 146 -6.68 -11.96 -7.08
C GLN A 146 -7.39 -12.30 -8.38
N ILE A 147 -6.66 -12.66 -9.42
CA ILE A 147 -7.23 -13.07 -10.70
C ILE A 147 -6.52 -14.34 -11.14
N GLY A 148 -6.98 -14.95 -12.20
CA GLY A 148 -6.35 -16.12 -12.79
C GLY A 148 -5.41 -15.79 -13.94
N ILE A 149 -4.33 -16.55 -14.05
CA ILE A 149 -3.45 -16.49 -15.24
C ILE A 149 -3.50 -17.87 -15.88
N GLU A 150 -3.98 -17.92 -17.14
CA GLU A 150 -4.05 -19.20 -17.87
C GLU A 150 -2.73 -19.91 -17.94
N GLY A 151 -2.81 -21.23 -17.77
CA GLY A 151 -1.67 -22.06 -17.80
C GLY A 151 -0.98 -22.32 -16.49
N ILE A 152 -1.30 -21.52 -15.47
CA ILE A 152 -0.65 -21.66 -14.18
C ILE A 152 -1.70 -21.75 -13.08
N THR A 153 -2.55 -22.76 -13.17
CA THR A 153 -3.46 -23.10 -12.06
C THR A 153 -2.72 -23.29 -10.73
N PRO A 154 -1.63 -24.07 -10.66
CA PRO A 154 -0.98 -24.24 -9.37
C PRO A 154 -0.54 -22.92 -8.77
N TYR A 155 0.08 -22.07 -9.59
CA TYR A 155 0.57 -20.78 -9.17
C TYR A 155 -0.61 -19.90 -8.63
N THR A 156 -1.71 -19.89 -9.38
CA THR A 156 -2.87 -19.04 -9.01
C THR A 156 -3.43 -19.55 -7.71
N ALA A 157 -3.59 -20.85 -7.54
CA ALA A 157 -4.09 -21.40 -6.29
C ALA A 157 -3.16 -21.03 -5.14
N ALA A 158 -1.83 -21.20 -5.35
CA ALA A 158 -0.88 -20.88 -4.30
C ALA A 158 -0.92 -19.44 -3.90
N LYS A 159 -0.95 -18.54 -4.89
CA LYS A 159 -0.88 -17.10 -4.64
C LYS A 159 -2.15 -16.60 -3.97
N HIS A 160 -3.30 -17.17 -4.32
CA HIS A 160 -4.53 -16.92 -3.56
C HIS A 160 -4.40 -17.42 -2.10
N GLY A 161 -3.83 -18.61 -1.96
CA GLY A 161 -3.63 -19.13 -0.63
C GLY A 161 -2.79 -18.22 0.26
N VAL A 162 -1.78 -17.59 -0.31
CA VAL A 162 -0.91 -16.67 0.44
C VAL A 162 -1.72 -15.50 0.93
N VAL A 163 -2.59 -14.98 0.08
CA VAL A 163 -3.50 -13.89 0.50
C VAL A 163 -4.34 -14.33 1.72
N GLY A 164 -4.86 -15.55 1.66
CA GLY A 164 -5.69 -16.03 2.75
C GLY A 164 -4.97 -16.18 4.06
N LEU A 165 -3.78 -16.79 4.09
N LEU A 165 -3.80 -16.80 3.97
CA LEU A 165 -3.10 -17.00 5.37
CA LEU A 165 -3.00 -17.03 5.12
C LEU A 165 -2.62 -15.67 5.96
C LEU A 165 -2.77 -15.71 5.88
N THR A 166 -2.45 -14.66 5.13
CA THR A 166 -2.15 -13.34 5.65
C THR A 166 -3.27 -12.82 6.53
N LYS A 167 -4.50 -13.05 6.10
CA LYS A 167 -5.68 -12.57 6.84
C LYS A 167 -5.82 -13.24 8.21
N THR A 168 -5.65 -14.55 8.24
N THR A 168 -5.75 -14.58 8.26
CA THR A 168 -5.84 -15.28 9.46
CA THR A 168 -5.83 -15.28 9.55
C THR A 168 -4.74 -14.98 10.45
C THR A 168 -4.73 -14.84 10.46
N VAL A 169 -3.47 -14.92 10.00
CA VAL A 169 -2.36 -14.62 10.87
C VAL A 169 -2.51 -13.21 11.45
N ALA A 170 -2.97 -12.26 10.63
CA ALA A 170 -3.13 -10.88 11.14
C ALA A 170 -4.04 -10.84 12.37
N TRP A 171 -5.15 -11.57 12.33
CA TRP A 171 -6.06 -11.62 13.50
C TRP A 171 -5.52 -12.43 14.63
N GLU A 172 -4.83 -13.53 14.38
CA GLU A 172 -4.31 -14.33 15.46
C GLU A 172 -3.24 -13.64 16.23
N TYR A 173 -2.44 -12.74 15.63
CA TYR A 173 -1.26 -12.18 16.27
C TYR A 173 -1.25 -10.65 16.31
N GLY A 174 -2.31 -9.99 15.84
CA GLY A 174 -2.29 -8.55 15.90
C GLY A 174 -2.24 -7.98 17.29
N SER A 175 -2.82 -8.72 18.22
N SER A 175 -2.83 -8.65 18.26
CA SER A 175 -2.74 -8.33 19.65
CA SER A 175 -2.74 -8.12 19.64
C SER A 175 -1.35 -8.26 20.20
C SER A 175 -1.41 -8.39 20.31
N LYS A 176 -0.53 -9.12 19.64
CA LYS A 176 0.80 -9.31 20.05
C LYS A 176 1.81 -8.54 19.19
N GLY A 177 1.34 -7.58 18.39
CA GLY A 177 2.16 -6.69 17.66
C GLY A 177 2.85 -7.27 16.46
N ILE A 178 2.29 -8.32 15.87
CA ILE A 178 2.77 -8.80 14.58
C ILE A 178 1.84 -8.27 13.52
N ARG A 179 2.39 -7.57 12.57
CA ARG A 179 1.70 -7.16 11.36
C ARG A 179 2.08 -8.12 10.22
N ILE A 180 1.13 -8.40 9.33
CA ILE A 180 1.44 -9.24 8.16
C ILE A 180 0.58 -8.78 7.02
N ASN A 181 1.22 -8.66 5.85
CA ASN A 181 0.54 -8.16 4.64
C ASN A 181 1.08 -8.91 3.45
N SER A 182 0.32 -8.90 2.35
N SER A 182 0.32 -8.94 2.35
CA SER A 182 0.80 -9.42 1.10
CA SER A 182 0.77 -9.53 1.09
C SER A 182 0.98 -8.31 0.13
C SER A 182 0.90 -8.43 0.08
N VAL A 183 1.88 -8.58 -0.80
CA VAL A 183 2.15 -7.64 -1.92
C VAL A 183 1.83 -8.44 -3.20
N GLY A 184 1.15 -7.76 -4.12
CA GLY A 184 0.77 -8.36 -5.39
C GLY A 184 1.36 -7.69 -6.59
N PRO A 185 2.55 -8.09 -7.04
CA PRO A 185 3.08 -7.51 -8.25
C PRO A 185 2.35 -8.04 -9.47
N ALA A 186 2.28 -7.16 -10.48
CA ALA A 186 1.93 -7.58 -11.86
C ALA A 186 3.20 -8.01 -12.57
N PHE A 187 3.28 -7.90 -13.88
CA PHE A 187 4.47 -8.42 -14.57
C PHE A 187 5.62 -7.48 -14.38
N ILE A 188 6.71 -8.05 -13.84
CA ILE A 188 7.91 -7.33 -13.48
C ILE A 188 9.03 -7.78 -14.43
N ASN A 189 9.92 -6.81 -14.71
CA ASN A 189 11.07 -7.06 -15.59
C ASN A 189 12.10 -7.95 -14.92
N THR A 190 11.89 -9.26 -15.05
CA THR A 190 12.75 -10.31 -14.58
C THR A 190 13.02 -11.26 -15.76
N THR A 191 13.71 -12.36 -15.45
CA THR A 191 14.22 -13.21 -16.56
C THR A 191 13.15 -13.68 -17.58
N LEU A 192 12.04 -14.22 -17.07
CA LEU A 192 11.04 -14.74 -17.96
C LEU A 192 10.66 -13.80 -19.04
N VAL A 193 10.14 -12.60 -18.66
N VAL A 193 10.31 -12.57 -18.66
CA VAL A 193 9.71 -11.59 -19.69
CA VAL A 193 9.80 -11.67 -19.68
C VAL A 193 10.90 -11.16 -20.58
C VAL A 193 10.89 -10.96 -20.48
N GLN A 194 12.12 -11.07 -19.99
CA GLN A 194 13.31 -10.68 -20.77
C GLN A 194 13.51 -11.64 -21.91
N ASN A 195 12.98 -12.85 -21.85
CA ASN A 195 13.25 -13.80 -22.90
C ASN A 195 12.05 -14.11 -23.80
N VAL A 196 10.96 -13.39 -23.68
CA VAL A 196 9.88 -13.56 -24.60
C VAL A 196 10.05 -12.57 -25.75
N PRO A 197 9.43 -12.83 -26.89
CA PRO A 197 9.54 -11.85 -27.97
C PRO A 197 8.93 -10.50 -27.64
N LEU A 198 9.47 -9.46 -28.27
CA LEU A 198 8.92 -8.11 -28.06
C LEU A 198 7.43 -8.10 -28.20
N GLU A 199 6.90 -8.74 -29.23
N GLU A 199 6.88 -8.78 -29.22
CA GLU A 199 5.48 -8.71 -29.45
CA GLU A 199 5.45 -8.76 -29.48
C GLU A 199 4.75 -9.19 -28.20
C GLU A 199 4.71 -9.23 -28.23
N THR A 200 5.28 -10.26 -27.60
CA THR A 200 4.63 -10.81 -26.35
C THR A 200 4.76 -9.83 -25.18
N ARG A 201 5.95 -9.28 -25.08
N ARG A 201 5.94 -9.25 -25.06
CA ARG A 201 6.16 -8.23 -24.07
CA ARG A 201 6.09 -8.22 -24.02
C ARG A 201 5.16 -7.07 -24.23
C ARG A 201 5.14 -7.04 -24.21
N ARG A 202 4.95 -6.61 -25.46
CA ARG A 202 4.02 -5.55 -25.70
C ARG A 202 2.62 -5.96 -25.31
N GLN A 203 2.24 -7.21 -25.57
CA GLN A 203 0.92 -7.66 -25.17
C GLN A 203 0.79 -7.62 -23.63
N LEU A 204 1.81 -8.07 -22.93
CA LEU A 204 1.77 -7.98 -21.44
C LEU A 204 1.69 -6.54 -21.01
N GLU A 205 2.48 -5.67 -21.60
CA GLU A 205 2.46 -4.27 -21.21
C GLU A 205 1.08 -3.64 -21.34
N GLN A 206 0.35 -3.96 -22.39
N GLN A 206 0.30 -4.00 -22.38
CA GLN A 206 -0.95 -3.39 -22.61
CA GLN A 206 -1.03 -3.47 -22.65
C GLN A 206 -1.98 -3.85 -21.56
C GLN A 206 -2.05 -3.89 -21.60
N MET A 207 -1.66 -4.87 -20.75
N MET A 207 -1.68 -4.86 -20.74
CA MET A 207 -2.51 -5.31 -19.66
CA MET A 207 -2.55 -5.29 -19.68
C MET A 207 -2.36 -4.46 -18.40
C MET A 207 -2.35 -4.48 -18.39
N HIS A 208 -1.47 -3.49 -18.43
CA HIS A 208 -1.24 -2.63 -17.29
C HIS A 208 -1.67 -1.22 -17.69
N ALA A 209 -2.32 -0.46 -16.78
CA ALA A 209 -2.71 0.90 -17.08
C ALA A 209 -1.57 1.80 -17.41
N LEU A 210 -0.39 1.51 -16.84
CA LEU A 210 0.81 2.29 -17.15
C LEU A 210 1.45 1.91 -18.48
N ARG A 211 0.99 0.81 -19.11
N ARG A 211 0.95 0.83 -19.10
CA ARG A 211 1.44 0.42 -20.43
CA ARG A 211 1.43 0.36 -20.43
C ARG A 211 2.93 0.13 -20.46
C ARG A 211 2.91 0.07 -20.48
N ARG A 212 3.42 -0.46 -19.37
CA ARG A 212 4.78 -0.89 -19.26
C ARG A 212 4.81 -1.95 -18.17
N LEU A 213 5.93 -2.70 -18.11
CA LEU A 213 6.16 -3.62 -17.00
C LEU A 213 6.75 -2.88 -15.81
N GLY A 214 6.62 -3.53 -14.64
CA GLY A 214 7.25 -2.99 -13.43
C GLY A 214 8.71 -3.34 -13.35
N GLU A 215 9.42 -2.60 -12.51
CA GLU A 215 10.81 -2.94 -12.16
C GLU A 215 10.90 -3.47 -10.79
N THR A 216 11.96 -4.27 -10.51
CA THR A 216 12.06 -4.85 -9.18
C THR A 216 12.13 -3.80 -8.08
N GLU A 217 12.73 -2.65 -8.32
CA GLU A 217 12.79 -1.64 -7.29
C GLU A 217 11.41 -1.16 -6.91
N GLU A 218 10.49 -1.11 -7.89
CA GLU A 218 9.15 -0.60 -7.65
C GLU A 218 8.40 -1.53 -6.69
N VAL A 219 8.68 -2.83 -6.73
CA VAL A 219 8.16 -3.77 -5.78
C VAL A 219 8.83 -3.62 -4.43
N ALA A 220 10.18 -3.58 -4.47
CA ALA A 220 10.95 -3.52 -3.22
C ALA A 220 10.63 -2.28 -2.43
N ASN A 221 10.37 -1.14 -3.07
CA ASN A 221 10.05 0.07 -2.34
C ASN A 221 8.81 -0.13 -1.51
N LEU A 222 7.79 -0.81 -2.05
CA LEU A 222 6.55 -1.03 -1.28
C LEU A 222 6.82 -2.04 -0.16
N VAL A 223 7.59 -3.10 -0.45
CA VAL A 223 7.91 -4.07 0.62
C VAL A 223 8.62 -3.36 1.77
N ALA A 224 9.60 -2.49 1.46
CA ALA A 224 10.30 -1.73 2.49
C ALA A 224 9.37 -0.92 3.33
N TRP A 225 8.46 -0.20 2.66
CA TRP A 225 7.48 0.63 3.40
C TRP A 225 6.64 -0.17 4.33
N LEU A 226 6.08 -1.29 3.82
CA LEU A 226 5.21 -2.15 4.60
C LEU A 226 5.92 -2.81 5.77
N SER A 227 7.24 -2.93 5.65
CA SER A 227 8.07 -3.53 6.70
C SER A 227 8.47 -2.55 7.78
N SER A 228 8.14 -1.26 7.57
CA SER A 228 8.60 -0.16 8.43
C SER A 228 7.55 0.27 9.43
N ASP A 229 8.01 1.05 10.39
N ASP A 229 7.98 1.03 10.44
CA ASP A 229 7.12 1.59 11.39
CA ASP A 229 7.01 1.56 11.40
C ASP A 229 6.14 2.61 10.82
C ASP A 229 6.13 2.64 10.82
N LYS A 230 6.41 3.12 9.61
CA LYS A 230 5.42 4.01 8.97
C LYS A 230 4.12 3.28 8.72
N ALA A 231 4.18 1.97 8.53
CA ALA A 231 3.06 1.11 8.18
C ALA A 231 2.40 0.48 9.43
N SER A 232 2.50 1.20 10.56
CA SER A 232 2.11 0.62 11.83
C SER A 232 0.61 0.32 11.99
N PHE A 233 -0.27 0.88 11.14
CA PHE A 233 -1.68 0.49 11.20
C PHE A 233 -2.09 -0.37 10.00
N VAL A 234 -1.11 -0.93 9.28
CA VAL A 234 -1.40 -1.72 8.11
C VAL A 234 -1.14 -3.19 8.44
N THR A 235 -2.20 -3.99 8.41
CA THR A 235 -2.10 -5.44 8.62
C THR A 235 -3.26 -6.13 7.94
N GLY A 236 -3.08 -7.40 7.64
CA GLY A 236 -4.10 -8.22 7.06
C GLY A 236 -4.49 -7.91 5.64
N SER A 237 -3.65 -7.13 4.95
CA SER A 237 -4.04 -6.51 3.70
C SER A 237 -3.22 -6.98 2.54
N TYR A 238 -3.80 -6.81 1.35
CA TYR A 238 -3.19 -7.04 0.04
C TYR A 238 -2.90 -5.71 -0.57
N TYR A 239 -1.64 -5.52 -0.93
N TYR A 239 -1.62 -5.49 -0.92
CA TYR A 239 -1.16 -4.29 -1.52
CA TYR A 239 -1.17 -4.25 -1.57
C TYR A 239 -0.69 -4.60 -2.92
C TYR A 239 -0.66 -4.54 -2.93
N ALA A 240 -1.40 -4.12 -3.93
CA ALA A 240 -0.98 -4.31 -5.30
C ALA A 240 0.22 -3.44 -5.62
N VAL A 241 1.09 -3.96 -6.49
CA VAL A 241 2.09 -3.16 -7.17
C VAL A 241 2.00 -3.63 -8.61
N ASP A 242 0.90 -3.18 -9.25
CA ASP A 242 0.39 -3.84 -10.44
C ASP A 242 0.23 -2.94 -11.62
N GLY A 243 0.62 -1.67 -11.52
CA GLY A 243 0.47 -0.81 -12.65
C GLY A 243 -0.93 -0.69 -13.15
N GLY A 244 -1.93 -0.98 -12.32
CA GLY A 244 -3.34 -0.94 -12.68
C GLY A 244 -3.90 -2.19 -13.29
N TYR A 245 -3.15 -3.30 -13.28
CA TYR A 245 -3.61 -4.55 -13.91
C TYR A 245 -5.02 -4.98 -13.43
N LEU A 246 -5.25 -4.94 -12.12
CA LEU A 246 -6.49 -5.45 -11.55
C LEU A 246 -7.66 -4.48 -11.71
N ALA A 247 -7.41 -3.26 -12.11
CA ALA A 247 -8.43 -2.23 -12.22
C ALA A 247 -9.32 -2.34 -13.48
N ARG A 248 -9.00 -3.24 -14.37
CA ARG A 248 -9.87 -3.55 -15.50
C ARG A 248 -10.35 -5.02 -15.49
N MET B 1 13.78 13.04 2.02
CA MET B 1 12.45 13.63 1.86
C MET B 1 11.79 13.01 0.62
N LEU B 2 10.59 12.52 0.77
CA LEU B 2 9.86 11.79 -0.26
C LEU B 2 9.43 12.70 -1.38
N LEU B 3 9.14 13.97 -1.07
CA LEU B 3 8.37 14.81 -1.99
C LEU B 3 9.03 16.13 -2.33
N GLU B 4 10.38 16.12 -2.30
CA GLU B 4 11.09 17.39 -2.41
C GLU B 4 10.74 18.13 -3.69
N GLY B 5 10.28 19.39 -3.55
CA GLY B 5 10.02 20.22 -4.73
C GLY B 5 8.70 20.04 -5.39
N LYS B 6 7.94 19.04 -4.95
CA LYS B 6 6.64 18.78 -5.53
C LYS B 6 5.60 19.74 -4.95
N THR B 7 4.58 20.05 -5.71
CA THR B 7 3.46 20.84 -5.24
C THR B 7 2.24 19.95 -5.08
N ALA B 8 1.71 19.98 -3.83
CA ALA B 8 0.62 19.12 -3.42
C ALA B 8 -0.56 19.92 -2.91
N LEU B 9 -1.77 19.59 -3.33
N LEU B 9 -1.74 19.50 -3.34
CA LEU B 9 -2.95 20.17 -2.68
CA LEU B 9 -3.04 20.03 -2.90
C LEU B 9 -3.66 19.07 -1.88
C LEU B 9 -3.62 19.02 -1.87
N VAL B 10 -4.30 19.53 -0.83
CA VAL B 10 -5.06 18.66 0.05
C VAL B 10 -6.43 19.32 0.25
N THR B 11 -7.51 18.58 0.04
CA THR B 11 -8.86 19.02 0.37
C THR B 11 -9.18 18.61 1.78
N GLY B 12 -10.07 19.40 2.42
CA GLY B 12 -10.40 19.07 3.82
C GLY B 12 -9.21 19.07 4.74
N ALA B 13 -8.24 19.93 4.51
CA ALA B 13 -6.97 19.95 5.23
C ALA B 13 -7.02 20.72 6.55
N GLY B 14 -8.18 21.24 6.90
CA GLY B 14 -8.29 22.00 8.13
C GLY B 14 -8.30 21.23 9.41
N ASN B 15 -8.49 19.92 9.36
CA ASN B 15 -8.55 19.15 10.61
C ASN B 15 -8.35 17.69 10.31
N GLY B 16 -8.23 16.91 11.36
CA GLY B 16 -8.31 15.46 11.21
C GLY B 16 -7.18 14.94 10.33
N ILE B 17 -7.55 13.89 9.58
CA ILE B 17 -6.60 13.22 8.69
C ILE B 17 -6.05 14.17 7.68
N GLY B 18 -6.86 15.07 7.06
CA GLY B 18 -6.36 15.99 6.10
C GLY B 18 -5.32 16.93 6.60
N ARG B 19 -5.51 17.45 7.83
CA ARG B 19 -4.48 18.28 8.44
C ARG B 19 -3.18 17.51 8.52
N THR B 20 -3.23 16.28 9.02
CA THR B 20 -2.00 15.50 9.17
C THR B 20 -1.35 15.22 7.79
N ILE B 21 -2.18 14.92 6.78
CA ILE B 21 -1.66 14.73 5.43
C ILE B 21 -0.90 15.99 4.99
N ALA B 22 -1.53 17.17 5.14
CA ALA B 22 -0.90 18.39 4.75
C ALA B 22 0.43 18.62 5.45
N LEU B 23 0.43 18.39 6.77
N LEU B 23 0.47 18.39 6.76
CA LEU B 23 1.64 18.53 7.56
CA LEU B 23 1.71 18.58 7.50
C LEU B 23 2.72 17.60 7.03
C LEU B 23 2.76 17.57 7.08
N THR B 24 2.35 16.35 6.76
CA THR B 24 3.26 15.31 6.33
C THR B 24 3.85 15.62 4.98
N TYR B 25 2.97 16.04 4.07
CA TYR B 25 3.45 16.50 2.74
C TYR B 25 4.53 17.58 2.90
N ALA B 26 4.26 18.56 3.74
CA ALA B 26 5.25 19.63 3.94
C ALA B 26 6.53 19.08 4.55
N ALA B 27 6.40 18.21 5.54
CA ALA B 27 7.59 17.67 6.19
C ALA B 27 8.41 16.86 5.21
N GLU B 28 7.78 16.30 4.19
CA GLU B 28 8.47 15.53 3.12
C GLU B 28 8.94 16.43 1.97
N GLY B 29 8.87 17.75 2.15
CA GLY B 29 9.45 18.67 1.21
C GLY B 29 8.53 19.27 0.19
N ALA B 30 7.24 18.93 0.22
CA ALA B 30 6.34 19.49 -0.76
C ALA B 30 5.94 20.91 -0.42
N ASN B 31 5.66 21.71 -1.49
CA ASN B 31 4.90 22.93 -1.34
C ASN B 31 3.43 22.48 -1.15
N VAL B 32 2.68 23.05 -0.24
CA VAL B 32 1.32 22.58 0.06
C VAL B 32 0.29 23.67 -0.19
N VAL B 33 -0.71 23.32 -0.96
CA VAL B 33 -1.93 24.12 -1.08
C VAL B 33 -2.94 23.52 -0.14
N VAL B 34 -3.09 24.17 1.01
CA VAL B 34 -4.05 23.77 2.00
C VAL B 34 -5.40 24.28 1.62
N SER B 35 -6.45 23.47 1.62
N SER B 35 -6.44 23.44 1.65
CA SER B 35 -7.78 24.00 1.35
CA SER B 35 -7.80 23.87 1.28
C SER B 35 -8.77 23.31 2.30
C SER B 35 -8.81 23.26 2.27
N ASP B 36 -9.88 24.02 2.54
CA ASP B 36 -10.94 23.52 3.41
C ASP B 36 -12.17 24.40 3.17
N ILE B 37 -13.31 23.90 3.57
CA ILE B 37 -14.53 24.71 3.61
C ILE B 37 -14.49 25.66 4.80
N SER B 38 -13.80 25.29 5.88
CA SER B 38 -13.63 26.16 7.01
C SER B 38 -12.31 26.88 6.89
N ASP B 39 -12.41 28.19 6.65
CA ASP B 39 -11.25 28.99 6.46
C ASP B 39 -10.41 29.13 7.76
N GLU B 40 -11.07 29.16 8.91
CA GLU B 40 -10.37 29.19 10.18
C GLU B 40 -9.54 27.92 10.31
N TRP B 41 -10.16 26.74 10.14
CA TRP B 41 -9.36 25.54 10.31
C TRP B 41 -8.27 25.41 9.27
N GLY B 42 -8.57 25.79 8.03
CA GLY B 42 -7.54 25.80 6.99
C GLY B 42 -6.37 26.70 7.25
N ARG B 43 -6.66 27.93 7.75
CA ARG B 43 -5.60 28.82 8.12
C ARG B 43 -4.78 28.28 9.28
N GLU B 44 -5.40 27.59 10.20
CA GLU B 44 -4.66 26.94 11.27
C GLU B 44 -3.64 25.93 10.71
N THR B 45 -4.10 25.06 9.81
CA THR B 45 -3.18 24.11 9.21
C THR B 45 -2.02 24.80 8.53
N LEU B 46 -2.35 25.84 7.75
CA LEU B 46 -1.31 26.65 7.13
C LEU B 46 -0.31 27.18 8.14
N ALA B 47 -0.83 27.74 9.25
CA ALA B 47 0.05 28.25 10.28
C ALA B 47 0.96 27.16 10.85
N LEU B 48 0.42 25.93 11.07
CA LEU B 48 1.22 24.87 11.57
C LEU B 48 2.36 24.54 10.63
N ILE B 49 2.09 24.50 9.31
CA ILE B 49 3.11 24.22 8.32
C ILE B 49 4.16 25.35 8.33
N GLU B 50 3.70 26.58 8.24
CA GLU B 50 4.61 27.69 8.13
C GLU B 50 5.47 27.85 9.36
N GLY B 51 4.93 27.49 10.52
CA GLY B 51 5.64 27.59 11.75
C GLY B 51 6.89 26.78 11.79
N LYS B 52 6.94 25.69 10.99
CA LYS B 52 8.10 24.83 10.89
C LYS B 52 9.00 25.20 9.75
N GLY B 53 8.63 26.23 9.01
CA GLY B 53 9.40 26.70 7.90
C GLY B 53 8.96 26.06 6.56
N GLY B 54 7.78 25.40 6.53
CA GLY B 54 7.30 24.84 5.27
C GLY B 54 6.74 25.92 4.38
N LYS B 55 6.57 25.57 3.11
CA LYS B 55 6.10 26.45 2.03
C LYS B 55 4.70 26.04 1.74
N ALA B 56 3.75 26.96 1.93
CA ALA B 56 2.35 26.61 1.77
C ALA B 56 1.49 27.86 1.58
N VAL B 57 0.28 27.70 1.07
CA VAL B 57 -0.75 28.70 0.99
C VAL B 57 -2.05 28.06 1.38
N PHE B 58 -3.05 28.91 1.66
CA PHE B 58 -4.40 28.44 1.90
C PHE B 58 -5.33 28.97 0.84
N GLN B 59 -6.25 28.15 0.39
CA GLN B 59 -7.30 28.55 -0.52
C GLN B 59 -8.58 27.88 -0.09
N HIS B 60 -9.66 28.68 0.11
CA HIS B 60 -10.96 28.14 0.41
C HIS B 60 -11.43 27.21 -0.67
N ALA B 61 -12.00 26.07 -0.28
CA ALA B 61 -12.76 25.30 -1.25
C ALA B 61 -13.77 24.37 -0.55
N ASP B 62 -15.01 24.50 -0.96
CA ASP B 62 -16.07 23.49 -0.70
C ASP B 62 -16.02 22.49 -1.80
N THR B 63 -15.58 21.27 -1.52
CA THR B 63 -15.41 20.31 -2.61
C THR B 63 -16.67 19.97 -3.38
N ALA B 64 -17.82 20.22 -2.80
CA ALA B 64 -19.05 19.94 -3.50
C ALA B 64 -19.35 20.91 -4.59
N HIS B 65 -18.64 22.04 -4.67
CA HIS B 65 -18.90 23.07 -5.66
C HIS B 65 -17.86 23.04 -6.75
N PRO B 66 -18.25 22.65 -7.97
CA PRO B 66 -17.24 22.51 -9.05
C PRO B 66 -16.32 23.71 -9.21
N GLU B 67 -16.88 24.90 -9.15
CA GLU B 67 -16.13 26.12 -9.39
C GLU B 67 -15.01 26.33 -8.36
N ASP B 68 -15.19 25.85 -7.12
CA ASP B 68 -14.15 26.00 -6.14
C ASP B 68 -12.89 25.20 -6.52
N HIS B 69 -13.06 24.09 -7.24
CA HIS B 69 -11.89 23.33 -7.72
C HIS B 69 -11.07 24.13 -8.67
N ASP B 70 -11.71 24.90 -9.55
CA ASP B 70 -10.95 25.74 -10.45
C ASP B 70 -10.13 26.79 -9.68
N GLU B 71 -10.74 27.31 -8.59
CA GLU B 71 -9.95 28.30 -7.81
C GLU B 71 -8.79 27.62 -7.11
N LEU B 72 -8.94 26.35 -6.69
N LEU B 72 -8.99 26.39 -6.74
CA LEU B 72 -7.83 25.55 -6.06
CA LEU B 72 -7.98 25.71 -6.04
C LEU B 72 -6.71 25.41 -7.05
C LEU B 72 -6.78 25.36 -7.00
N ILE B 73 -7.05 24.94 -8.24
CA ILE B 73 -6.02 24.75 -9.24
C ILE B 73 -5.35 26.06 -9.56
N ALA B 74 -6.12 27.14 -9.67
CA ALA B 74 -5.54 28.43 -9.95
C ALA B 74 -4.59 28.88 -8.81
N ALA B 75 -4.96 28.60 -7.59
CA ALA B 75 -4.13 28.96 -6.43
C ALA B 75 -2.83 28.18 -6.46
N ALA B 76 -2.88 26.91 -6.79
CA ALA B 76 -1.64 26.14 -6.94
C ALA B 76 -0.73 26.71 -7.99
N LYS B 77 -1.28 27.01 -9.15
CA LYS B 77 -0.47 27.56 -10.19
C LYS B 77 0.10 28.92 -9.84
N ARG B 78 -0.72 29.78 -9.24
CA ARG B 78 -0.24 31.08 -8.87
C ARG B 78 0.88 31.00 -7.85
N ALA B 79 0.70 30.20 -6.82
CA ALA B 79 1.69 30.09 -5.78
C ALA B 79 2.98 29.38 -6.21
N PHE B 80 2.81 28.21 -6.84
CA PHE B 80 3.89 27.29 -7.04
C PHE B 80 4.09 26.90 -8.51
N GLY B 81 3.23 27.38 -9.39
CA GLY B 81 3.44 27.21 -10.81
C GLY B 81 3.03 25.97 -11.50
N ARG B 82 2.53 24.97 -10.76
CA ARG B 82 2.19 23.67 -11.28
C ARG B 82 1.51 22.89 -10.18
N LEU B 83 0.92 21.75 -10.55
CA LEU B 83 0.35 20.81 -9.61
C LEU B 83 0.95 19.45 -9.87
N ASP B 84 1.55 18.82 -8.84
CA ASP B 84 2.14 17.49 -8.95
C ASP B 84 1.37 16.40 -8.19
N ILE B 85 0.73 16.77 -7.09
CA ILE B 85 0.12 15.79 -6.18
C ILE B 85 -1.22 16.40 -5.73
N ALA B 86 -2.24 15.55 -5.60
CA ALA B 86 -3.50 16.02 -4.99
C ALA B 86 -4.06 14.91 -4.14
N CYS B 87 -4.56 15.29 -2.95
CA CYS B 87 -5.24 14.36 -2.07
C CYS B 87 -6.67 14.85 -1.84
N ASN B 88 -7.61 14.04 -2.28
CA ASN B 88 -9.05 14.28 -2.14
C ASN B 88 -9.53 13.63 -0.85
N ASN B 89 -9.36 14.41 0.22
CA ASN B 89 -9.60 13.96 1.58
C ASN B 89 -10.90 14.46 2.21
N ALA B 90 -11.37 15.65 1.84
CA ALA B 90 -12.58 16.19 2.49
C ALA B 90 -13.71 15.16 2.44
N GLY B 91 -14.39 14.97 3.57
CA GLY B 91 -15.48 14.04 3.61
C GLY B 91 -16.18 14.18 4.93
N ILE B 92 -17.44 13.71 4.94
CA ILE B 92 -18.28 13.70 6.15
C ILE B 92 -18.88 12.35 6.32
N SER B 93 -19.25 11.98 7.53
CA SER B 93 -19.91 10.68 7.75
C SER B 93 -21.38 10.69 7.43
N GLY B 94 -22.03 11.84 7.62
CA GLY B 94 -23.48 11.81 7.77
C GLY B 94 -23.85 11.41 9.19
N GLU B 95 -25.13 11.53 9.48
CA GLU B 95 -25.66 11.02 10.75
C GLU B 95 -26.06 9.54 10.58
N PHE B 96 -25.97 8.80 11.65
N PHE B 96 -26.01 8.76 11.66
CA PHE B 96 -26.35 7.42 11.60
CA PHE B 96 -26.43 7.35 11.65
C PHE B 96 -27.88 7.33 11.58
C PHE B 96 -27.94 7.32 11.57
N THR B 97 -28.44 6.78 10.49
CA THR B 97 -29.85 6.72 10.21
C THR B 97 -30.11 5.49 9.39
N PRO B 98 -31.03 4.61 9.77
CA PRO B 98 -31.32 3.48 8.90
C PRO B 98 -31.80 3.92 7.53
N THR B 99 -31.53 3.10 6.48
CA THR B 99 -31.83 3.52 5.11
C THR B 99 -33.27 3.98 4.98
N ALA B 100 -34.23 3.24 5.54
CA ALA B 100 -35.64 3.59 5.33
C ALA B 100 -36.01 4.96 5.90
N GLU B 101 -35.19 5.48 6.84
CA GLU B 101 -35.42 6.76 7.44
C GLU B 101 -34.49 7.85 6.96
N THR B 102 -33.60 7.53 6.00
CA THR B 102 -32.63 8.49 5.52
C THR B 102 -33.34 9.44 4.55
N THR B 103 -33.19 10.75 4.76
CA THR B 103 -33.88 11.76 3.97
C THR B 103 -33.14 12.00 2.65
N ASP B 104 -33.86 12.63 1.70
CA ASP B 104 -33.21 13.07 0.47
C ASP B 104 -32.05 13.98 0.80
N ALA B 105 -32.21 14.90 1.72
CA ALA B 105 -31.14 15.85 2.00
C ALA B 105 -29.91 15.12 2.56
N GLN B 106 -30.12 14.11 3.43
CA GLN B 106 -29.02 13.37 3.96
C GLN B 106 -28.25 12.66 2.88
N TRP B 107 -28.95 11.94 2.01
CA TRP B 107 -28.32 11.25 0.88
C TRP B 107 -27.58 12.21 0.00
N GLN B 108 -28.24 13.29 -0.40
CA GLN B 108 -27.66 14.20 -1.36
C GLN B 108 -26.43 14.91 -0.79
N ARG B 109 -26.45 15.27 0.49
CA ARG B 109 -25.35 15.98 1.10
C ARG B 109 -24.10 15.12 1.11
N VAL B 110 -24.26 13.86 1.54
CA VAL B 110 -23.09 12.96 1.64
C VAL B 110 -22.58 12.57 0.27
N ILE B 111 -23.48 12.25 -0.65
CA ILE B 111 -22.99 11.96 -2.00
C ILE B 111 -22.30 13.17 -2.58
N GLY B 112 -22.86 14.37 -2.38
CA GLY B 112 -22.34 15.56 -2.99
C GLY B 112 -20.90 15.90 -2.57
N ILE B 113 -20.61 15.67 -1.31
CA ILE B 113 -19.27 15.92 -0.81
C ILE B 113 -18.33 14.73 -1.09
N ASN B 114 -18.77 13.56 -0.64
CA ASN B 114 -17.86 12.42 -0.60
C ASN B 114 -17.65 11.74 -1.91
N LEU B 115 -18.58 11.90 -2.87
CA LEU B 115 -18.47 11.28 -4.19
C LEU B 115 -18.32 12.32 -5.27
N SER B 116 -19.35 13.16 -5.44
CA SER B 116 -19.25 14.21 -6.47
C SER B 116 -18.06 15.10 -6.22
N GLY B 117 -17.79 15.48 -4.98
CA GLY B 117 -16.69 16.40 -4.72
C GLY B 117 -15.33 15.79 -5.04
N VAL B 118 -15.22 14.48 -4.85
CA VAL B 118 -14.02 13.76 -5.30
C VAL B 118 -13.90 13.79 -6.79
N PHE B 119 -14.99 13.47 -7.52
CA PHE B 119 -14.98 13.59 -8.96
C PHE B 119 -14.59 14.97 -9.45
N TYR B 120 -15.21 16.02 -8.90
CA TYR B 120 -14.92 17.35 -9.41
C TYR B 120 -13.45 17.70 -9.18
N GLY B 121 -12.89 17.29 -8.04
CA GLY B 121 -11.47 17.51 -7.82
C GLY B 121 -10.59 16.74 -8.75
N VAL B 122 -10.85 15.46 -8.87
CA VAL B 122 -10.05 14.61 -9.78
C VAL B 122 -10.04 15.17 -11.20
N ARG B 123 -11.23 15.59 -11.69
CA ARG B 123 -11.34 16.17 -13.03
C ARG B 123 -10.41 17.37 -13.18
N ALA B 124 -10.50 18.30 -12.24
CA ALA B 124 -9.64 19.51 -12.29
C ALA B 124 -8.19 19.18 -12.16
N GLN B 125 -7.86 18.23 -11.28
CA GLN B 125 -6.52 17.87 -10.98
C GLN B 125 -5.86 17.22 -12.21
N ILE B 126 -6.57 16.31 -12.89
CA ILE B 126 -6.03 15.69 -14.10
C ILE B 126 -5.63 16.76 -15.07
N ARG B 127 -6.57 17.69 -15.34
CA ARG B 127 -6.30 18.73 -16.34
C ARG B 127 -5.07 19.51 -15.97
N ALA B 128 -4.91 19.87 -14.71
CA ALA B 128 -3.76 20.65 -14.31
C ALA B 128 -2.47 19.87 -14.40
N MET B 129 -2.51 18.63 -13.96
CA MET B 129 -1.30 17.77 -13.96
C MET B 129 -0.82 17.52 -15.38
N LEU B 130 -1.73 17.35 -16.32
CA LEU B 130 -1.35 17.07 -17.69
C LEU B 130 -0.60 18.25 -18.28
N GLU B 131 -0.78 19.46 -17.79
CA GLU B 131 -0.04 20.62 -18.33
C GLU B 131 1.44 20.46 -18.15
N THR B 132 1.88 19.74 -17.12
CA THR B 132 3.27 19.61 -16.80
C THR B 132 3.78 18.22 -16.68
N GLY B 133 3.08 17.29 -17.36
CA GLY B 133 3.61 15.97 -17.57
C GLY B 133 3.09 14.85 -16.65
N GLY B 134 2.14 15.17 -15.80
CA GLY B 134 1.50 14.18 -14.98
C GLY B 134 1.63 14.42 -13.49
N GLY B 135 1.32 13.43 -12.71
CA GLY B 135 1.29 13.60 -11.28
C GLY B 135 0.62 12.42 -10.59
N ALA B 136 0.37 12.60 -9.30
CA ALA B 136 -0.16 11.55 -8.45
C ALA B 136 -1.33 12.05 -7.67
N ILE B 137 -2.41 11.29 -7.70
CA ILE B 137 -3.66 11.62 -6.96
C ILE B 137 -3.91 10.52 -5.94
N VAL B 138 -4.32 10.91 -4.74
CA VAL B 138 -4.73 9.95 -3.71
C VAL B 138 -6.13 10.36 -3.25
N ASN B 139 -7.07 9.43 -3.33
CA ASN B 139 -8.43 9.65 -2.86
C ASN B 139 -8.57 8.93 -1.52
N ILE B 140 -9.17 9.64 -0.52
CA ILE B 140 -9.42 8.96 0.75
C ILE B 140 -10.84 8.35 0.69
N SER B 141 -10.83 7.03 0.63
CA SER B 141 -12.07 6.27 0.73
C SER B 141 -12.27 5.90 2.23
N SER B 142 -12.45 4.61 2.53
CA SER B 142 -12.73 4.11 3.85
C SER B 142 -12.77 2.59 3.76
N ILE B 143 -12.71 1.91 4.87
CA ILE B 143 -13.26 0.58 4.95
C ILE B 143 -14.65 0.46 4.34
N ALA B 144 -15.44 1.53 4.45
CA ALA B 144 -16.77 1.56 3.87
C ALA B 144 -16.79 1.69 2.35
N GLY B 145 -15.61 1.69 1.71
CA GLY B 145 -15.47 1.45 0.28
C GLY B 145 -15.43 -0.01 -0.08
N GLN B 146 -15.35 -0.90 0.91
CA GLN B 146 -15.26 -2.34 0.72
C GLN B 146 -16.30 -3.12 1.47
N ILE B 147 -16.77 -2.63 2.62
CA ILE B 147 -17.81 -3.26 3.43
C ILE B 147 -18.88 -2.20 3.73
N GLY B 148 -19.96 -2.63 4.35
CA GLY B 148 -20.97 -1.69 4.80
C GLY B 148 -20.85 -1.38 6.27
N ILE B 149 -21.26 -0.17 6.60
CA ILE B 149 -21.42 0.26 7.99
C ILE B 149 -22.85 0.67 8.23
N GLU B 150 -23.55 -0.05 9.12
CA GLU B 150 -24.98 0.26 9.38
C GLU B 150 -25.15 1.71 9.79
N GLY B 151 -26.24 2.27 9.26
CA GLY B 151 -26.62 3.61 9.55
C GLY B 151 -26.09 4.64 8.60
N ILE B 152 -25.13 4.28 7.74
CA ILE B 152 -24.52 5.24 6.85
C ILE B 152 -24.50 4.72 5.43
N THR B 153 -25.67 4.36 4.92
CA THR B 153 -25.80 4.01 3.52
C THR B 153 -25.24 5.05 2.57
N PRO B 154 -25.53 6.33 2.74
CA PRO B 154 -24.98 7.33 1.82
C PRO B 154 -23.46 7.27 1.77
N TYR B 155 -22.86 7.24 2.99
CA TYR B 155 -21.41 7.19 3.11
C TYR B 155 -20.84 5.96 2.42
N THR B 156 -21.46 4.81 2.64
CA THR B 156 -20.98 3.56 2.06
C THR B 156 -21.03 3.59 0.54
N ALA B 157 -22.16 4.07 0.02
CA ALA B 157 -22.30 4.19 -1.44
C ALA B 157 -21.22 5.15 -1.98
N ALA B 158 -21.05 6.29 -1.32
CA ALA B 158 -20.04 7.24 -1.78
C ALA B 158 -18.63 6.68 -1.77
N LYS B 159 -18.28 6.04 -0.66
CA LYS B 159 -16.92 5.52 -0.52
C LYS B 159 -16.63 4.37 -1.48
N HIS B 160 -17.62 3.54 -1.76
CA HIS B 160 -17.50 2.56 -2.87
C HIS B 160 -17.30 3.28 -4.18
N GLY B 161 -18.09 4.34 -4.42
CA GLY B 161 -17.95 5.06 -5.68
C GLY B 161 -16.57 5.66 -5.89
N VAL B 162 -15.92 6.10 -4.80
CA VAL B 162 -14.56 6.64 -4.86
C VAL B 162 -13.59 5.54 -5.34
N VAL B 163 -13.75 4.35 -4.83
CA VAL B 163 -12.96 3.20 -5.23
C VAL B 163 -13.11 2.99 -6.72
N GLY B 164 -14.34 3.05 -7.24
CA GLY B 164 -14.57 2.82 -8.63
C GLY B 164 -13.98 3.87 -9.55
N LEU B 165 -14.14 5.15 -9.25
N LEU B 165 -14.19 5.11 -9.19
CA LEU B 165 -13.60 6.19 -10.19
CA LEU B 165 -13.71 6.22 -9.96
C LEU B 165 -12.07 6.25 -10.16
C LEU B 165 -12.18 6.07 -10.17
N THR B 166 -11.47 5.69 -9.11
CA THR B 166 -10.02 5.52 -9.11
C THR B 166 -9.57 4.58 -10.23
N LYS B 167 -10.34 3.49 -10.41
CA LYS B 167 -9.99 2.49 -11.40
C LYS B 167 -10.05 3.00 -12.80
N THR B 168 -11.16 3.67 -13.18
N THR B 168 -11.15 3.67 -13.11
CA THR B 168 -11.30 4.24 -14.53
CA THR B 168 -11.34 4.15 -14.44
C THR B 168 -10.23 5.24 -14.83
C THR B 168 -10.31 5.25 -14.81
N VAL B 169 -10.07 6.20 -13.90
CA VAL B 169 -9.13 7.26 -14.15
C VAL B 169 -7.73 6.67 -14.39
N ALA B 170 -7.37 5.67 -13.59
CA ALA B 170 -6.03 5.06 -13.75
C ALA B 170 -5.80 4.54 -15.17
N TRP B 171 -6.80 3.91 -15.77
CA TRP B 171 -6.66 3.43 -17.12
C TRP B 171 -6.71 4.54 -18.13
N GLU B 172 -7.59 5.52 -17.94
CA GLU B 172 -7.67 6.60 -18.91
C GLU B 172 -6.42 7.40 -19.00
N TYR B 173 -5.67 7.60 -17.89
CA TYR B 173 -4.58 8.53 -17.88
C TYR B 173 -3.25 7.87 -17.50
N GLY B 174 -3.19 6.58 -17.41
CA GLY B 174 -1.96 5.91 -17.06
C GLY B 174 -0.83 6.02 -18.09
N SER B 175 -1.13 6.18 -19.34
N SER B 175 -1.17 6.24 -19.34
CA SER B 175 -0.04 6.40 -20.27
CA SER B 175 -0.21 6.52 -20.41
C SER B 175 0.37 7.85 -20.34
C SER B 175 0.18 7.94 -20.55
N LYS B 176 -0.39 8.76 -19.70
CA LYS B 176 -0.15 10.21 -19.71
C LYS B 176 0.49 10.67 -18.43
N GLY B 177 1.02 9.74 -17.63
CA GLY B 177 1.79 10.21 -16.48
C GLY B 177 1.03 10.46 -15.20
N ILE B 178 -0.23 9.98 -15.09
N ILE B 178 -0.28 10.09 -15.17
CA ILE B 178 -0.97 10.21 -13.88
CA ILE B 178 -1.13 10.17 -13.99
C ILE B 178 -1.30 8.93 -13.22
C ILE B 178 -1.12 8.83 -13.29
N ARG B 179 -0.88 8.84 -11.93
CA ARG B 179 -1.22 7.71 -11.10
C ARG B 179 -2.35 8.17 -10.17
N ILE B 180 -3.23 7.23 -9.82
CA ILE B 180 -4.32 7.54 -8.89
C ILE B 180 -4.65 6.29 -8.11
N ASN B 181 -4.80 6.47 -6.78
CA ASN B 181 -5.08 5.35 -5.89
C ASN B 181 -6.03 5.82 -4.82
N SER B 182 -6.65 4.85 -4.16
N SER B 182 -6.70 4.85 -4.19
CA SER B 182 -7.52 5.13 -3.04
CA SER B 182 -7.53 5.14 -3.02
C SER B 182 -6.96 4.49 -1.75
C SER B 182 -6.85 4.59 -1.78
N VAL B 183 -7.17 5.19 -0.67
CA VAL B 183 -6.75 4.74 0.65
C VAL B 183 -7.99 4.47 1.52
N GLY B 184 -7.99 3.36 2.22
CA GLY B 184 -9.12 2.97 3.04
C GLY B 184 -8.83 2.85 4.51
N PRO B 185 -8.97 3.94 5.25
CA PRO B 185 -8.78 3.82 6.70
C PRO B 185 -9.91 3.11 7.37
N ALA B 186 -9.59 2.40 8.47
CA ALA B 186 -10.57 2.00 9.45
C ALA B 186 -10.77 3.12 10.42
N PHE B 187 -11.15 2.82 11.68
CA PHE B 187 -11.45 3.91 12.60
C PHE B 187 -10.15 4.54 13.12
N ILE B 188 -10.09 5.87 12.96
CA ILE B 188 -8.94 6.69 13.23
C ILE B 188 -9.27 7.73 14.30
N ASN B 189 -8.30 7.94 15.19
CA ASN B 189 -8.42 8.92 16.29
C ASN B 189 -8.29 10.36 15.82
N THR B 190 -9.27 10.86 15.11
CA THR B 190 -9.52 12.29 14.91
C THR B 190 -10.20 12.78 16.15
N THR B 191 -10.51 14.06 16.19
CA THR B 191 -11.02 14.68 17.43
C THR B 191 -12.28 13.94 17.91
N LEU B 192 -13.20 13.71 16.96
CA LEU B 192 -14.46 13.06 17.34
C LEU B 192 -14.26 11.66 17.85
N VAL B 193 -13.45 10.89 17.13
CA VAL B 193 -13.25 9.47 17.51
C VAL B 193 -12.50 9.36 18.85
N GLN B 194 -11.52 10.27 19.05
CA GLN B 194 -10.72 10.40 20.27
C GLN B 194 -11.65 10.53 21.47
N ASN B 195 -12.76 11.23 21.26
CA ASN B 195 -13.63 11.62 22.37
C ASN B 195 -14.84 10.71 22.62
N VAL B 196 -14.94 9.59 21.92
CA VAL B 196 -16.00 8.61 22.20
C VAL B 196 -15.81 8.04 23.60
N PRO B 197 -16.92 7.57 24.19
CA PRO B 197 -16.79 6.97 25.48
C PRO B 197 -15.91 5.75 25.39
N LEU B 198 -15.23 5.43 26.51
CA LEU B 198 -14.39 4.25 26.53
C LEU B 198 -15.11 2.97 26.05
N GLU B 199 -16.36 2.74 26.44
N GLU B 199 -16.33 2.83 26.51
CA GLU B 199 -17.04 1.47 26.06
CA GLU B 199 -17.12 1.69 26.14
C GLU B 199 -17.30 1.45 24.57
C GLU B 199 -17.20 1.52 24.62
N THR B 200 -17.50 2.64 23.96
CA THR B 200 -17.60 2.69 22.49
C THR B 200 -16.22 2.42 21.83
N ARG B 201 -15.19 3.07 22.38
N ARG B 201 -15.22 3.08 22.39
CA ARG B 201 -13.83 2.85 21.85
CA ARG B 201 -13.88 2.90 21.88
C ARG B 201 -13.50 1.37 21.88
C ARG B 201 -13.50 1.41 21.90
N ARG B 202 -13.79 0.73 23.02
CA ARG B 202 -13.45 -0.68 23.14
C ARG B 202 -14.22 -1.53 22.13
N GLN B 203 -15.47 -1.16 21.86
CA GLN B 203 -16.25 -1.88 20.90
C GLN B 203 -15.65 -1.73 19.51
N LEU B 204 -15.23 -0.52 19.17
CA LEU B 204 -14.57 -0.30 17.87
C LEU B 204 -13.24 -1.02 17.79
N GLU B 205 -12.47 -0.97 18.88
CA GLU B 205 -11.12 -1.61 18.89
C GLU B 205 -11.22 -3.07 18.57
N GLN B 206 -12.20 -3.74 19.13
N GLN B 206 -12.24 -3.76 19.09
CA GLN B 206 -12.31 -5.15 18.91
CA GLN B 206 -12.40 -5.21 18.89
C GLN B 206 -12.60 -5.58 17.48
C GLN B 206 -12.66 -5.62 17.46
N MET B 207 -12.97 -4.61 16.63
CA MET B 207 -13.21 -4.80 15.20
C MET B 207 -11.90 -4.75 14.36
N HIS B 208 -10.78 -4.43 15.00
CA HIS B 208 -9.52 -4.32 14.34
C HIS B 208 -8.60 -5.42 14.84
N ALA B 209 -7.83 -6.04 13.95
CA ALA B 209 -6.88 -7.08 14.38
C ALA B 209 -5.88 -6.60 15.39
N LEU B 210 -5.48 -5.32 15.27
CA LEU B 210 -4.51 -4.70 16.18
C LEU B 210 -5.17 -4.33 17.53
N ARG B 211 -6.49 -4.43 17.64
N ARG B 211 -6.49 -4.44 17.61
CA ARG B 211 -7.15 -4.17 18.92
CA ARG B 211 -7.25 -4.17 18.84
C ARG B 211 -6.84 -2.78 19.45
C ARG B 211 -6.99 -2.79 19.43
N ARG B 212 -6.78 -1.85 18.53
CA ARG B 212 -6.65 -0.42 18.81
C ARG B 212 -7.14 0.34 17.59
N LEU B 213 -7.43 1.62 17.78
CA LEU B 213 -7.74 2.51 16.65
C LEU B 213 -6.48 3.11 16.04
N GLY B 214 -6.62 3.61 14.81
CA GLY B 214 -5.48 4.19 14.17
C GLY B 214 -5.26 5.62 14.53
N GLU B 215 -4.07 6.12 14.17
CA GLU B 215 -3.71 7.52 14.34
C GLU B 215 -3.68 8.23 12.98
N THR B 216 -3.92 9.52 12.99
CA THR B 216 -3.91 10.26 11.72
C THR B 216 -2.56 10.11 11.00
N GLU B 217 -1.44 10.09 11.72
CA GLU B 217 -0.12 9.91 11.07
C GLU B 217 -0.04 8.62 10.35
N GLU B 218 -0.70 7.57 10.85
CA GLU B 218 -0.63 6.26 10.20
C GLU B 218 -1.30 6.27 8.83
N VAL B 219 -2.34 7.08 8.68
CA VAL B 219 -2.95 7.33 7.38
C VAL B 219 -2.08 8.18 6.52
N ALA B 220 -1.63 9.32 7.07
CA ALA B 220 -0.84 10.26 6.31
C ALA B 220 0.44 9.67 5.78
N ASN B 221 1.07 8.77 6.53
CA ASN B 221 2.30 8.17 6.03
C ASN B 221 2.06 7.39 4.75
N LEU B 222 0.96 6.66 4.68
CA LEU B 222 0.63 5.91 3.46
C LEU B 222 0.31 6.87 2.32
N VAL B 223 -0.48 7.92 2.59
CA VAL B 223 -0.79 8.89 1.56
C VAL B 223 0.47 9.50 1.02
N ALA B 224 1.40 9.85 1.88
CA ALA B 224 2.68 10.44 1.39
C ALA B 224 3.43 9.47 0.49
N TRP B 225 3.53 8.23 0.92
CA TRP B 225 4.22 7.25 0.11
C TRP B 225 3.56 7.08 -1.26
N LEU B 226 2.24 6.96 -1.30
CA LEU B 226 1.53 6.80 -2.56
C LEU B 226 1.63 8.00 -3.48
N SER B 227 1.94 9.17 -2.87
CA SER B 227 2.09 10.43 -3.64
C SER B 227 3.50 10.61 -4.17
N SER B 228 4.40 9.70 -3.82
CA SER B 228 5.82 9.85 -4.11
C SER B 228 6.22 9.00 -5.30
N ASP B 229 7.42 9.25 -5.83
N ASP B 229 7.44 9.31 -5.77
CA ASP B 229 7.93 8.41 -6.93
CA ASP B 229 8.05 8.58 -6.86
C ASP B 229 8.35 7.03 -6.50
C ASP B 229 8.48 7.16 -6.49
N LYS B 230 8.43 6.79 -5.19
CA LYS B 230 8.65 5.39 -4.78
C LYS B 230 7.53 4.49 -5.24
N ALA B 231 6.33 5.10 -5.40
CA ALA B 231 5.10 4.40 -5.75
C ALA B 231 4.86 4.39 -7.26
N SER B 232 5.94 4.45 -8.06
CA SER B 232 5.80 4.64 -9.50
C SER B 232 5.11 3.50 -10.24
N PHE B 233 5.02 2.30 -9.69
CA PHE B 233 4.24 1.24 -10.35
C PHE B 233 2.89 0.99 -9.70
N VAL B 234 2.44 1.94 -8.86
CA VAL B 234 1.22 1.75 -8.07
C VAL B 234 0.16 2.71 -8.62
N THR B 235 -0.89 2.13 -9.21
CA THR B 235 -2.02 2.92 -9.71
C THR B 235 -3.23 2.04 -9.77
N GLY B 236 -4.42 2.71 -9.77
CA GLY B 236 -5.67 2.05 -9.90
C GLY B 236 -6.10 1.20 -8.74
N SER B 237 -5.45 1.36 -7.56
CA SER B 237 -5.55 0.43 -6.51
C SER B 237 -6.07 1.04 -5.23
N TYR B 238 -6.57 0.14 -4.37
CA TYR B 238 -7.06 0.43 -3.03
C TYR B 238 -6.08 -0.08 -2.01
N TYR B 239 -5.63 0.85 -1.15
N TYR B 239 -5.68 0.83 -1.13
CA TYR B 239 -4.66 0.56 -0.06
CA TYR B 239 -4.67 0.55 -0.10
C TYR B 239 -5.30 0.76 1.30
C TYR B 239 -5.35 0.74 1.26
N ALA B 240 -5.56 -0.36 1.97
CA ALA B 240 -6.14 -0.28 3.31
C ALA B 240 -5.13 0.24 4.29
N VAL B 241 -5.63 1.02 5.26
CA VAL B 241 -4.90 1.35 6.47
C VAL B 241 -5.89 1.14 7.62
N ASP B 242 -6.12 -0.16 7.86
CA ASP B 242 -7.34 -0.60 8.54
C ASP B 242 -7.10 -1.43 9.75
N GLY B 243 -5.85 -1.63 10.15
CA GLY B 243 -5.59 -2.45 11.33
C GLY B 243 -6.16 -3.84 11.30
N GLY B 244 -6.40 -4.35 10.05
CA GLY B 244 -6.94 -5.66 9.86
C GLY B 244 -8.47 -5.75 9.79
N TYR B 245 -9.18 -4.61 9.81
CA TYR B 245 -10.63 -4.62 9.85
C TYR B 245 -11.28 -5.53 8.77
N LEU B 246 -10.79 -5.41 7.55
CA LEU B 246 -11.36 -6.15 6.44
C LEU B 246 -11.03 -7.62 6.37
N ALA B 247 -10.04 -8.06 7.15
CA ALA B 247 -9.50 -9.39 7.09
C ALA B 247 -10.37 -10.45 7.79
N ARG B 248 -11.43 -10.03 8.49
CA ARG B 248 -12.40 -10.94 9.07
C ARG B 248 -13.82 -10.67 8.51
PA NAD C . 13.37 -15.17 -9.72
O1A NAD C . 14.14 -14.07 -10.35
O2A NAD C . 13.24 -16.49 -10.42
O5B NAD C . 13.99 -15.37 -8.29
C5B NAD C . 13.49 -16.40 -7.41
C4B NAD C . 14.50 -16.58 -6.32
O4B NAD C . 13.95 -17.57 -5.43
C3B NAD C . 15.84 -17.13 -6.83
O3B NAD C . 16.95 -16.54 -6.19
C2B NAD C . 15.73 -18.62 -6.53
O2B NAD C . 16.91 -19.37 -6.41
C1B NAD C . 14.89 -18.62 -5.26
N9A NAD C . 14.15 -19.87 -4.98
C8A NAD C . 13.47 -20.65 -5.82
N7A NAD C . 12.92 -21.69 -5.21
C5A NAD C . 13.31 -21.56 -3.89
C6A NAD C . 13.07 -22.37 -2.72
N6A NAD C . 12.41 -23.50 -2.78
N1A NAD C . 13.58 -21.90 -1.59
C2A NAD C . 14.32 -20.79 -1.54
N3A NAD C . 14.61 -20.00 -2.58
C4A NAD C . 14.07 -20.40 -3.75
O3 NAD C . 11.86 -14.75 -9.47
PN NAD C . 11.09 -13.45 -9.02
O1N NAD C . 12.01 -12.44 -8.50
O2N NAD C . 10.12 -13.14 -10.07
O5D NAD C . 10.22 -14.12 -7.82
C5D NAD C . 10.15 -13.57 -6.53
C4D NAD C . 8.74 -13.60 -6.05
O4D NAD C . 7.95 -12.65 -6.82
C3D NAD C . 8.05 -14.96 -6.26
O3D NAD C . 7.18 -15.27 -5.15
C2D NAD C . 7.17 -14.71 -7.49
O2D NAD C . 6.06 -15.61 -7.55
C1D NAD C . 6.77 -13.30 -7.24
N1N NAD C . 6.23 -12.59 -8.42
C2N NAD C . 7.01 -12.33 -9.50
C3N NAD C . 6.52 -11.64 -10.54
C7N NAD C . 7.33 -11.34 -11.78
O7N NAD C . 6.78 -10.77 -12.77
N7N NAD C . 8.62 -11.64 -11.83
C4N NAD C . 5.20 -11.12 -10.52
C5N NAD C . 4.43 -11.41 -9.42
C6N NAD C . 4.95 -12.10 -8.35
C ACT D . 3.30 -13.22 -12.21
O ACT D . 2.86 -13.45 -10.99
OXT ACT D . 4.31 -13.77 -12.57
CH3 ACT D . 2.64 -11.98 -12.80
N1 1PS E . 10.26 -21.72 -15.79
C1 1PS E . 10.85 -21.70 -16.99
C2 1PS E . 10.13 -21.39 -18.15
C3 1PS E . 8.96 -21.39 -15.70
C4 1PS E . 8.19 -21.05 -16.84
C5 1PS E . 8.77 -21.05 -18.10
C6 1PS E . 11.05 -22.03 -14.59
C7 1PS E . 11.32 -23.56 -14.42
C8 1PS E . 10.18 -24.48 -13.90
S1 1PS E . 9.61 -24.16 -12.30
O1 1PS E . 8.81 -25.38 -11.87
O2 1PS E . 8.87 -22.90 -12.46
O3 1PS E . 10.82 -23.91 -11.45
N1 1PS F . 4.24 -31.33 -19.01
C1 1PS F . 4.75 -31.78 -20.17
C2 1PS F . 3.83 -32.29 -21.08
C3 1PS F . 2.92 -31.37 -18.68
C4 1PS F . 1.97 -31.87 -19.54
C5 1PS F . 2.47 -32.31 -20.75
C6 1PS F . 5.13 -30.84 -18.01
C7 1PS F . 5.52 -32.14 -17.32
C8 1PS F . 6.33 -31.62 -16.17
S1 1PS F . 6.63 -32.77 -15.04
O1 1PS F . 7.15 -31.77 -13.86
O2 1PS F . 7.68 -33.54 -15.55
O3 1PS F . 5.51 -33.52 -14.48
C ACT G . 5.62 -1.69 13.42
O ACT G . 4.33 -2.07 13.50
OXT ACT G . 6.03 -0.81 14.26
CH3 ACT G . 6.43 -2.08 12.16
MG MG H . -9.47 -7.88 -14.87
MG MG I . 14.71 -15.59 22.94
MG MG J . -6.40 -5.15 1.60
MG MG K . 24.76 -14.53 -12.07
PA NAD L . -12.70 15.55 10.20
O1A NAD L . -11.77 15.45 11.32
O2A NAD L . -14.14 15.84 10.44
O5B NAD L . -12.08 16.60 9.18
C5B NAD L . -12.81 16.87 7.95
C4B NAD L . -12.27 18.15 7.39
O4B NAD L . -12.92 18.28 6.08
C3B NAD L . -12.52 19.40 8.20
O3B NAD L . -11.43 20.30 8.23
C2B NAD L . -13.77 19.93 7.52
O2B NAD L . -14.02 21.31 7.67
C1B NAD L . -13.49 19.56 6.07
N9A NAD L . -14.69 19.51 5.21
C8A NAD L . -15.93 19.03 5.47
N7A NAD L . -16.74 19.18 4.45
C5A NAD L . -16.00 19.75 3.44
C6A NAD L . -16.35 20.24 2.16
N6A NAD L . -17.55 20.17 1.61
N1A NAD L . -15.31 20.77 1.43
C2A NAD L . -14.09 20.92 1.98
N3A NAD L . -13.71 20.60 3.22
C4A NAD L . -14.71 20.00 3.92
O3 NAD L . -12.76 14.19 9.35
PN NAD L . -11.69 13.06 9.04
O1N NAD L . -10.31 13.56 9.18
O2N NAD L . -12.12 11.91 9.82
O5D NAD L . -12.07 12.78 7.55
C5D NAD L . -11.14 12.92 6.46
C4D NAD L . -11.42 11.85 5.45
O4D NAD L . -11.11 10.57 6.05
C3D NAD L . -12.89 11.78 5.01
O3D NAD L . -12.98 11.46 3.60
C2D NAD L . -13.42 10.60 5.78
O2D NAD L . -14.53 10.00 5.17
C1D NAD L . -12.17 9.71 5.79
N1N NAD L . -12.18 8.65 6.81
C2N NAD L . -12.12 8.95 8.13
C3N NAD L . -12.05 7.93 9.06
C7N NAD L . -12.02 8.16 10.56
O7N NAD L . -12.13 7.21 11.33
N7N NAD L . -11.80 9.37 11.00
C4N NAD L . -12.06 6.63 8.66
C5N NAD L . -12.12 6.34 7.27
C6N NAD L . -12.17 7.36 6.36
C ACT M . -15.26 5.43 8.90
O ACT M . -15.53 6.38 9.40
OXT ACT M . -15.03 5.59 7.52
CH3 ACT M . -14.50 4.29 9.48
N1 1PS N . -2.58 -3.98 21.71
C1 1PS N . -3.74 -3.30 21.51
C2 1PS N . -4.36 -2.76 22.67
C3 1PS N . -1.93 -4.13 22.89
C4 1PS N . -2.50 -3.56 24.04
C5 1PS N . -3.71 -2.88 23.88
C6 1PS N . -2.00 -4.47 20.44
C7 1PS N . -1.28 -3.37 19.68
C8 1PS N . -0.45 -3.97 18.53
S1 1PS N . 0.35 -2.76 17.63
O1 1PS N . 1.11 -3.41 16.54
O2 1PS N . 1.21 -2.03 18.53
O3 1PS N . -0.61 -1.91 17.07
C BCT O . -22.72 15.76 8.46
O1 BCT O . -23.86 15.72 7.75
O2 BCT O . -21.99 16.89 8.44
O3 BCT O . -21.98 14.57 8.74
C BCT P . 5.38 9.46 -9.77
O1 BCT P . 4.86 9.94 -8.58
O2 BCT P . 4.91 8.53 -10.64
O3 BCT P . 6.62 9.89 -10.14
MG MG Q . -15.75 -8.52 7.56
#